data_3NYM
#
_entry.id   3NYM
#
_cell.length_a   43.646
_cell.length_b   35.741
_cell.length_c   101.565
_cell.angle_alpha   90.00
_cell.angle_beta   95.79
_cell.angle_gamma   90.00
#
_symmetry.space_group_name_H-M   'P 1 21 1'
#
loop_
_entity.id
_entity.type
_entity.pdbx_description
1 polymer 'uncharacterized protein'
2 non-polymer DI(HYDROXYETHYL)ETHER
3 non-polymer 'SULFATE ION'
4 non-polymer 'ACETATE ION'
5 water water
#
_entity_poly.entity_id   1
_entity_poly.type   'polypeptide(L)'
_entity_poly.pdbx_seq_one_letter_code
;SNA(MSE)ETLNDI(MLY)KILINVGLYQGFDLTDPKVSEEVNHETAN(MSE)(MLY)WI(MLY)DYTSDGNWDNEFKED
L(MLY)NFLDY(MSE)EVCQLALND(MLY)NF(MLY)IASNSLF(MSE)A(MSE)IYAGNLSLIFDSIKTDISTLLSAEY
KKNSFSWPSLDE
;
_entity_poly.pdbx_strand_id   A,B
#
# COMPACT_ATOMS: atom_id res chain seq x y z
N ALA A 3 2.18 4.24 23.07
CA ALA A 3 1.97 3.23 22.04
C ALA A 3 1.75 3.84 20.65
N GLU A 5 0.18 4.21 17.21
CA GLU A 5 -1.12 3.87 16.63
C GLU A 5 -1.40 4.44 15.24
N THR A 6 -0.71 5.51 14.86
CA THR A 6 -1.01 6.16 13.58
C THR A 6 0.20 6.31 12.68
N LEU A 7 -0.03 6.67 11.43
CA LEU A 7 1.06 6.96 10.51
C LEU A 7 1.78 8.24 10.93
N ASN A 8 1.04 9.19 11.50
CA ASN A 8 1.67 10.42 11.94
C ASN A 8 2.64 10.16 13.10
N ASP A 9 2.31 9.19 13.95
CA ASP A 9 3.23 8.72 14.99
C ASP A 9 4.54 8.24 14.39
N ILE A 10 4.43 7.49 13.31
CA ILE A 10 5.60 6.97 12.59
CA ILE A 10 5.60 6.96 12.58
C ILE A 10 6.44 8.10 12.01
N LYS A 12 6.89 11.08 13.14
CA LYS A 12 7.67 11.71 14.19
C LYS A 12 8.96 10.93 14.48
N ILE A 13 8.89 9.61 14.45
CA ILE A 13 10.07 8.80 14.75
C ILE A 13 11.07 8.93 13.61
N LEU A 14 10.57 8.97 12.37
CA LEU A 14 11.47 9.09 11.22
C LEU A 14 12.19 10.44 11.23
N ILE A 15 11.48 11.51 11.61
CA ILE A 15 12.14 12.80 11.78
C ILE A 15 13.27 12.71 12.80
N ASN A 16 13.00 12.04 13.93
CA ASN A 16 14.03 11.83 14.95
C ASN A 16 15.25 11.09 14.42
N VAL A 17 15.03 10.06 13.61
CA VAL A 17 16.15 9.33 13.04
C VAL A 17 16.99 10.26 12.17
N GLY A 18 16.31 11.10 11.40
CA GLY A 18 16.99 12.10 10.59
C GLY A 18 17.86 13.01 11.42
N LEU A 19 17.37 13.42 12.58
CA LEU A 19 18.11 14.36 13.43
C LEU A 19 19.43 13.75 13.91
N TYR A 20 19.44 12.44 14.15
CA TYR A 20 20.70 11.78 14.51
C TYR A 20 21.70 11.91 13.38
N GLN A 21 21.19 12.07 12.16
CA GLN A 21 22.06 12.16 10.98
C GLN A 21 22.39 13.60 10.63
N GLY A 22 21.96 14.53 11.48
CA GLY A 22 22.35 15.92 11.32
C GLY A 22 21.44 16.77 10.46
N PHE A 23 20.23 16.30 10.17
CA PHE A 23 19.28 17.12 9.43
C PHE A 23 17.86 17.06 10.00
N ASP A 24 17.09 18.10 9.70
CA ASP A 24 15.75 18.29 10.27
C ASP A 24 14.73 18.23 9.15
N LEU A 25 14.06 17.10 9.01
CA LEU A 25 13.14 16.88 7.89
C LEU A 25 11.94 17.82 7.91
N THR A 26 11.67 18.42 9.07
CA THR A 26 10.54 19.35 9.16
C THR A 26 10.82 20.65 8.43
N ASP A 27 12.08 20.88 8.07
CA ASP A 27 12.47 22.06 7.30
C ASP A 27 12.28 21.82 5.79
N PRO A 28 11.39 22.59 5.16
CA PRO A 28 11.07 22.45 3.74
C PRO A 28 12.29 22.43 2.82
N LYS A 29 13.31 23.21 3.13
CA LYS A 29 14.47 23.28 2.25
C LYS A 29 15.31 22.01 2.32
N VAL A 30 15.03 21.19 3.33
CA VAL A 30 15.68 19.89 3.47
CA VAL A 30 15.70 19.90 3.40
C VAL A 30 14.82 18.80 2.81
N SER A 31 13.57 18.72 3.26
CA SER A 31 12.68 17.64 2.85
C SER A 31 12.05 17.81 1.47
N GLU A 32 11.98 19.03 0.95
CA GLU A 32 11.41 19.22 -0.38
C GLU A 32 12.50 19.41 -1.40
N GLU A 33 13.73 19.12 -1.02
CA GLU A 33 14.84 19.36 -1.93
C GLU A 33 14.95 18.26 -2.98
N VAL A 34 15.21 18.66 -4.21
CA VAL A 34 15.44 17.72 -5.28
C VAL A 34 16.85 17.15 -5.15
N ASN A 35 17.01 15.87 -5.46
CA ASN A 35 18.35 15.33 -5.70
C ASN A 35 18.69 15.71 -7.13
N HIS A 36 19.58 16.68 -7.31
CA HIS A 36 19.86 17.26 -8.62
C HIS A 36 20.48 16.24 -9.59
N GLU A 37 21.23 15.29 -9.04
CA GLU A 37 21.85 14.24 -9.84
C GLU A 37 20.84 13.27 -10.43
N THR A 38 19.74 13.02 -9.71
CA THR A 38 18.72 12.09 -10.19
C THR A 38 17.43 12.78 -10.65
N ALA A 39 17.35 14.09 -10.47
CA ALA A 39 16.14 14.85 -10.82
C ALA A 39 14.91 14.41 -10.02
N ASN A 40 15.13 13.67 -8.93
CA ASN A 40 14.05 13.20 -8.07
C ASN A 40 14.12 13.74 -6.65
N TRP A 43 13.37 13.11 -0.52
CA TRP A 43 12.42 12.54 0.42
C TRP A 43 11.03 12.53 -0.20
N ILE A 44 10.37 11.38 -0.20
CA ILE A 44 9.11 11.26 -0.89
C ILE A 44 7.96 11.87 -0.09
N ASP A 46 5.81 14.01 2.93
CA ASP A 46 5.77 15.38 3.47
C ASP A 46 6.07 15.37 4.97
N TYR A 47 7.22 15.90 5.35
CA TYR A 47 7.62 15.94 6.77
C TYR A 47 7.34 17.29 7.42
N THR A 48 6.82 18.24 6.63
CA THR A 48 6.54 19.57 7.17
C THR A 48 5.30 19.54 8.06
N SER A 49 5.13 20.57 8.88
CA SER A 49 4.03 20.65 9.84
C SER A 49 2.64 20.55 9.20
N ASP A 50 2.55 20.89 7.92
CA ASP A 50 1.27 20.82 7.19
C ASP A 50 0.90 19.40 6.72
N GLY A 51 1.89 18.51 6.65
CA GLY A 51 1.65 17.14 6.24
C GLY A 51 0.76 16.40 7.21
N ASN A 52 0.03 15.41 6.70
CA ASN A 52 -0.80 14.56 7.55
C ASN A 52 -0.96 13.22 6.86
N TRP A 53 -0.15 12.25 7.28
CA TRP A 53 -0.08 10.96 6.59
C TRP A 53 -1.35 10.16 6.78
N ASP A 54 -1.93 10.24 7.97
CA ASP A 54 -3.19 9.55 8.19
C ASP A 54 -4.33 10.11 7.32
N ASN A 55 -4.34 11.42 7.09
CA ASN A 55 -5.36 12.01 6.20
C ASN A 55 -5.19 11.54 4.76
N GLU A 56 -3.95 11.45 4.31
CA GLU A 56 -3.70 10.93 2.97
C GLU A 56 -4.25 9.52 2.84
N PHE A 57 -3.97 8.67 3.82
CA PHE A 57 -4.46 7.30 3.78
C PHE A 57 -5.98 7.26 3.79
N LYS A 58 -6.60 7.96 4.73
CA LYS A 58 -8.06 7.91 4.84
C LYS A 58 -8.76 8.43 3.57
N GLU A 59 -8.18 9.45 2.95
CA GLU A 59 -8.76 10.02 1.74
C GLU A 59 -8.66 9.03 0.57
N ASP A 60 -7.49 8.43 0.39
CA ASP A 60 -7.33 7.40 -0.65
C ASP A 60 -8.25 6.20 -0.42
N LEU A 61 -8.30 5.72 0.83
CA LEU A 61 -9.19 4.62 1.19
C LEU A 61 -10.67 4.91 0.90
N ASN A 63 -11.91 7.10 -1.24
CA ASN A 63 -12.10 7.08 -2.69
C ASN A 63 -12.13 5.66 -3.24
N PHE A 64 -11.26 4.80 -2.73
CA PHE A 64 -11.26 3.41 -3.16
C PHE A 64 -12.60 2.75 -2.86
N LEU A 65 -13.07 2.86 -1.62
CA LEU A 65 -14.32 2.23 -1.22
C LEU A 65 -15.51 2.78 -2.00
N ASP A 66 -15.57 4.11 -2.11
CA ASP A 66 -16.68 4.77 -2.78
C ASP A 66 -16.83 4.22 -4.18
N TYR A 67 -15.73 4.11 -4.91
CA TYR A 67 -15.80 3.63 -6.28
C TYR A 67 -16.23 2.16 -6.34
N GLU A 69 -18.22 0.82 -4.23
CA GLU A 69 -19.63 0.79 -3.86
C GLU A 69 -20.49 1.19 -5.05
N VAL A 70 -20.00 2.13 -5.85
CA VAL A 70 -20.69 2.54 -7.06
C VAL A 70 -20.68 1.40 -8.07
N CYS A 71 -19.58 0.64 -8.11
CA CYS A 71 -19.51 -0.52 -8.99
C CYS A 71 -20.63 -1.53 -8.67
N GLN A 72 -20.79 -1.87 -7.39
CA GLN A 72 -21.83 -2.80 -6.99
C GLN A 72 -23.22 -2.26 -7.33
N LEU A 73 -23.45 -0.99 -7.08
CA LEU A 73 -24.74 -0.38 -7.43
C LEU A 73 -24.99 -0.48 -8.92
N ALA A 74 -23.95 -0.26 -9.73
CA ALA A 74 -24.08 -0.35 -11.17
C ALA A 74 -24.43 -1.79 -11.58
N LEU A 75 -23.78 -2.76 -10.95
CA LEU A 75 -24.08 -4.16 -11.22
C LEU A 75 -25.57 -4.43 -10.97
N ASN A 76 -26.07 -3.96 -9.84
CA ASN A 76 -27.46 -4.20 -9.49
C ASN A 76 -28.43 -3.62 -10.53
N ASP A 77 -28.05 -2.48 -11.11
CA ASP A 77 -28.84 -1.85 -12.17
C ASP A 77 -28.51 -2.41 -13.55
N ASN A 79 -25.93 -1.75 -15.14
CA ASN A 79 -25.22 -0.71 -15.88
C ASN A 79 -23.73 -1.02 -15.91
N PHE A 80 -23.30 -1.73 -16.96
CA PHE A 80 -21.92 -2.20 -17.01
C PHE A 80 -20.93 -1.13 -17.47
N ILE A 82 -21.04 2.02 -16.09
CA ILE A 82 -20.69 2.64 -14.83
C ILE A 82 -19.89 1.64 -13.97
N ALA A 83 -20.29 0.36 -14.00
CA ALA A 83 -19.52 -0.65 -13.27
C ALA A 83 -18.07 -0.68 -13.78
N SER A 84 -17.90 -0.71 -15.10
CA SER A 84 -16.57 -0.71 -15.70
C SER A 84 -15.75 0.50 -15.24
N ASN A 85 -16.32 1.70 -15.43
CA ASN A 85 -15.58 2.92 -15.05
C ASN A 85 -15.24 2.96 -13.56
N SER A 86 -16.21 2.57 -12.74
CA SER A 86 -16.03 2.56 -11.30
C SER A 86 -14.94 1.59 -10.86
N LEU A 87 -14.90 0.40 -11.46
CA LEU A 87 -13.81 -0.55 -11.20
C LEU A 87 -12.46 0.03 -11.59
N PHE A 88 -12.43 0.72 -12.74
CA PHE A 88 -11.21 1.34 -13.23
C PHE A 88 -10.69 2.36 -12.23
N ALA A 90 -11.49 2.57 -8.99
CA ALA A 90 -11.06 1.82 -7.79
C ALA A 90 -9.63 1.32 -7.96
N ILE A 92 -7.29 2.61 -9.79
CA ILE A 92 -6.45 3.77 -9.59
C ILE A 92 -6.18 4.06 -8.10
N TYR A 93 -7.21 3.97 -7.27
CA TYR A 93 -7.01 4.30 -5.86
C TYR A 93 -6.37 3.18 -5.06
N ALA A 94 -6.55 1.94 -5.50
CA ALA A 94 -5.77 0.83 -4.96
C ALA A 94 -4.28 1.13 -5.15
N GLY A 95 -3.93 1.63 -6.34
CA GLY A 95 -2.56 2.01 -6.62
C GLY A 95 -2.06 3.14 -5.74
N ASN A 96 -2.90 4.14 -5.48
CA ASN A 96 -2.54 5.19 -4.54
C ASN A 96 -2.28 4.64 -3.15
N LEU A 97 -3.10 3.67 -2.74
CA LEU A 97 -2.92 3.06 -1.42
C LEU A 97 -1.60 2.31 -1.39
N SER A 98 -1.29 1.59 -2.48
CA SER A 98 0.02 0.92 -2.54
C SER A 98 1.13 1.94 -2.38
N LEU A 99 0.98 3.09 -3.04
CA LEU A 99 1.99 4.14 -3.04
C LEU A 99 2.21 4.79 -1.66
N ILE A 100 1.14 4.93 -0.89
CA ILE A 100 1.26 5.43 0.47
C ILE A 100 2.37 4.69 1.19
N PHE A 101 2.30 3.37 1.15
CA PHE A 101 3.25 2.56 1.90
C PHE A 101 4.58 2.38 1.20
N ASP A 102 4.56 2.27 -0.12
CA ASP A 102 5.82 2.21 -0.84
C ASP A 102 6.67 3.45 -0.59
N SER A 103 6.02 4.61 -0.50
CA SER A 103 6.73 5.86 -0.27
C SER A 103 7.42 5.89 1.09
N ILE A 104 6.69 5.50 2.12
CA ILE A 104 7.24 5.39 3.45
C ILE A 104 8.42 4.40 3.44
N LYS A 105 8.22 3.24 2.81
CA LYS A 105 9.29 2.27 2.66
C LYS A 105 10.55 2.92 2.07
N THR A 106 10.39 3.66 0.98
CA THR A 106 11.51 4.29 0.32
C THR A 106 12.25 5.26 1.23
N ASP A 107 11.52 6.09 1.98
CA ASP A 107 12.18 7.04 2.86
C ASP A 107 12.91 6.33 4.00
N ILE A 108 12.30 5.26 4.52
CA ILE A 108 12.95 4.50 5.58
C ILE A 108 14.26 3.94 5.05
N SER A 109 14.21 3.42 3.83
CA SER A 109 15.41 2.89 3.17
C SER A 109 16.48 3.97 3.05
N THR A 110 16.05 5.21 2.79
CA THR A 110 16.99 6.32 2.68
C THR A 110 17.65 6.66 4.02
N LEU A 111 16.88 6.53 5.10
CA LEU A 111 17.42 6.76 6.43
C LEU A 111 18.38 5.62 6.81
N LEU A 112 18.02 4.39 6.47
CA LEU A 112 18.86 3.23 6.79
C LEU A 112 20.20 3.27 6.07
N SER A 113 20.24 3.86 4.88
CA SER A 113 21.49 3.99 4.14
C SER A 113 22.29 5.19 4.61
N ALA A 114 21.60 6.11 5.29
CA ALA A 114 22.19 7.35 5.79
C ALA A 114 22.88 8.17 4.70
N GLU A 115 22.38 8.05 3.47
CA GLU A 115 23.05 8.65 2.34
C GLU A 115 23.04 10.17 2.37
N TYR A 116 22.06 10.76 3.05
CA TYR A 116 21.96 12.22 3.12
C TYR A 116 22.43 12.82 4.44
N LYS A 117 23.12 12.03 5.26
CA LYS A 117 23.61 12.50 6.56
C LYS A 117 24.51 13.73 6.41
N LYS A 118 24.51 14.58 7.41
CA LYS A 118 25.28 15.82 7.37
C LYS A 118 26.43 15.80 8.35
N ASN A 119 26.50 14.73 9.14
CA ASN A 119 27.55 14.58 10.14
C ASN A 119 28.26 13.25 9.95
N SER A 120 28.86 12.73 11.02
CA SER A 120 29.61 11.48 10.92
C SER A 120 28.81 10.28 11.42
N PHE A 121 27.51 10.46 11.57
CA PHE A 121 26.65 9.34 11.98
C PHE A 121 26.84 8.14 11.08
N SER A 122 26.93 6.97 11.71
CA SER A 122 27.02 5.71 10.98
C SER A 122 26.29 4.62 11.74
N TRP A 123 25.46 3.84 11.06
CA TRP A 123 24.80 2.72 11.70
C TRP A 123 25.82 1.63 12.02
N PRO A 124 25.65 0.96 13.17
CA PRO A 124 26.52 -0.16 13.59
C PRO A 124 26.39 -1.34 12.64
N SER A 125 27.47 -2.10 12.42
CA SER A 125 27.36 -3.29 11.57
C SER A 125 26.56 -4.40 12.27
N LEU A 126 25.76 -5.14 11.51
CA LEU A 126 24.95 -6.20 12.07
C LEU A 126 25.26 -7.56 11.43
N GLU B 5 -13.87 -3.92 8.42
CA GLU B 5 -14.32 -4.93 7.47
C GLU B 5 -14.51 -4.38 6.06
N THR B 6 -13.88 -3.25 5.77
CA THR B 6 -14.12 -2.61 4.49
C THR B 6 -13.39 -3.32 3.34
N LEU B 7 -12.24 -3.94 3.61
CA LEU B 7 -11.59 -4.71 2.54
C LEU B 7 -12.38 -5.97 2.21
N ASN B 8 -12.94 -6.61 3.24
CA ASN B 8 -13.75 -7.78 3.00
C ASN B 8 -15.01 -7.43 2.21
N ASP B 9 -15.54 -6.23 2.43
CA ASP B 9 -16.69 -5.76 1.66
C ASP B 9 -16.30 -5.63 0.20
N ILE B 10 -15.11 -5.08 -0.03
CA ILE B 10 -14.60 -4.89 -1.39
C ILE B 10 -14.46 -6.25 -2.07
N LYS B 12 -16.13 -8.95 -1.62
CA LYS B 12 -17.46 -9.42 -2.02
C LYS B 12 -17.87 -8.85 -3.38
N ILE B 13 -17.61 -7.57 -3.58
CA ILE B 13 -18.01 -6.93 -4.84
C ILE B 13 -17.17 -7.48 -6.01
N LEU B 14 -15.89 -7.72 -5.76
CA LEU B 14 -15.03 -8.27 -6.80
C LEU B 14 -15.54 -9.67 -7.19
N ILE B 15 -15.95 -10.44 -6.21
CA ILE B 15 -16.52 -11.76 -6.48
C ILE B 15 -17.78 -11.62 -7.34
N ASN B 16 -18.61 -10.61 -7.02
CA ASN B 16 -19.82 -10.37 -7.80
C ASN B 16 -19.52 -10.00 -9.25
N VAL B 17 -18.46 -9.23 -9.46
CA VAL B 17 -18.03 -8.91 -10.81
C VAL B 17 -17.64 -10.19 -11.56
N GLY B 18 -16.84 -11.03 -10.91
CA GLY B 18 -16.47 -12.31 -11.52
C GLY B 18 -17.69 -13.15 -11.92
N LEU B 19 -18.72 -13.16 -11.07
CA LEU B 19 -19.89 -13.99 -11.35
C LEU B 19 -20.56 -13.61 -12.67
N TYR B 20 -20.53 -12.33 -13.02
CA TYR B 20 -21.10 -11.92 -14.30
C TYR B 20 -20.27 -12.44 -15.47
N GLN B 21 -19.00 -12.68 -15.23
CA GLN B 21 -18.15 -13.26 -16.27
C GLN B 21 -18.20 -14.78 -16.24
N GLY B 22 -19.07 -15.34 -15.41
CA GLY B 22 -19.35 -16.77 -15.45
C GLY B 22 -18.43 -17.62 -14.57
N PHE B 23 -17.77 -17.00 -13.61
CA PHE B 23 -16.97 -17.79 -12.68
C PHE B 23 -17.12 -17.33 -11.23
N ASP B 24 -16.91 -18.26 -10.30
CA ASP B 24 -17.09 -18.00 -8.88
C ASP B 24 -15.75 -18.08 -8.15
N LEU B 25 -15.20 -16.92 -7.81
CA LEU B 25 -13.88 -16.87 -7.18
C LEU B 25 -13.81 -17.55 -5.80
N THR B 26 -14.96 -17.74 -5.15
CA THR B 26 -14.95 -18.36 -3.82
C THR B 26 -14.61 -19.84 -3.96
N ASP B 27 -14.73 -20.37 -5.17
CA ASP B 27 -14.41 -21.76 -5.44
C ASP B 27 -12.91 -21.89 -5.70
N PRO B 28 -12.18 -22.60 -4.82
CA PRO B 28 -10.73 -22.69 -4.95
C PRO B 28 -10.30 -23.33 -6.27
N LYS B 29 -11.13 -24.20 -6.84
CA LYS B 29 -10.82 -24.77 -8.15
C LYS B 29 -10.69 -23.64 -9.16
N VAL B 30 -11.39 -22.55 -8.91
CA VAL B 30 -11.32 -21.39 -9.81
C VAL B 30 -10.18 -20.45 -9.38
N SER B 31 -10.25 -19.98 -8.14
CA SER B 31 -9.39 -18.86 -7.74
C SER B 31 -7.97 -19.27 -7.41
N GLU B 32 -7.70 -20.57 -7.34
CA GLU B 32 -6.33 -21.03 -7.10
C GLU B 32 -5.70 -21.67 -8.33
N GLU B 33 -6.41 -21.66 -9.45
CA GLU B 33 -5.89 -22.27 -10.68
C GLU B 33 -4.65 -21.52 -11.17
N VAL B 34 -3.69 -22.28 -11.70
CA VAL B 34 -2.48 -21.71 -12.24
C VAL B 34 -2.60 -21.40 -13.74
N ASN B 35 -2.08 -20.26 -14.14
CA ASN B 35 -1.95 -19.92 -15.54
C ASN B 35 -0.64 -20.51 -16.05
N HIS B 36 -0.70 -21.50 -16.94
CA HIS B 36 0.51 -22.21 -17.36
C HIS B 36 1.35 -21.47 -18.40
N GLU B 37 0.85 -20.35 -18.90
CA GLU B 37 1.71 -19.50 -19.72
C GLU B 37 2.64 -18.71 -18.82
N THR B 38 2.12 -18.22 -17.69
CA THR B 38 2.90 -17.38 -16.76
C THR B 38 3.52 -18.16 -15.61
N ALA B 39 3.01 -19.37 -15.37
CA ALA B 39 3.42 -20.19 -14.23
C ALA B 39 2.99 -19.61 -12.88
N ASN B 40 2.16 -18.57 -12.92
CA ASN B 40 1.62 -17.95 -11.70
C ASN B 40 0.13 -18.21 -11.58
N TRP B 43 -5.13 -15.64 -10.11
CA TRP B 43 -5.66 -14.69 -9.14
C TRP B 43 -4.72 -14.62 -7.95
N ILE B 44 -4.31 -13.41 -7.60
CA ILE B 44 -3.36 -13.23 -6.51
C ILE B 44 -4.00 -13.37 -5.14
N ASP B 46 -6.60 -14.23 -1.96
CA ASP B 46 -7.39 -15.36 -1.47
C ASP B 46 -8.88 -15.01 -1.43
N TYR B 47 -9.68 -15.66 -2.29
CA TYR B 47 -11.12 -15.37 -2.37
C TYR B 47 -11.99 -16.41 -1.66
N THR B 48 -11.34 -17.38 -1.02
CA THR B 48 -12.08 -18.45 -0.37
C THR B 48 -12.65 -17.98 0.97
N SER B 49 -13.63 -18.72 1.50
CA SER B 49 -14.41 -18.23 2.62
C SER B 49 -13.60 -18.03 3.91
N ASP B 50 -12.51 -18.80 4.07
CA ASP B 50 -11.67 -18.70 5.26
C ASP B 50 -10.74 -17.48 5.26
N GLY B 51 -10.52 -16.90 4.08
CA GLY B 51 -9.69 -15.71 3.96
C GLY B 51 -10.28 -14.50 4.68
N ASN B 52 -9.41 -13.57 5.07
CA ASN B 52 -9.84 -12.33 5.71
C ASN B 52 -8.87 -11.21 5.39
N TRP B 53 -9.24 -10.40 4.42
CA TRP B 53 -8.38 -9.35 3.91
C TRP B 53 -8.14 -8.27 4.96
N ASP B 54 -9.18 -7.92 5.71
CA ASP B 54 -8.98 -6.94 6.80
C ASP B 54 -7.99 -7.40 7.86
N ASN B 55 -8.06 -8.67 8.24
CA ASN B 55 -7.10 -9.24 9.18
C ASN B 55 -5.67 -9.16 8.66
N GLU B 56 -5.47 -9.43 7.37
CA GLU B 56 -4.13 -9.33 6.79
C GLU B 56 -3.63 -7.91 6.93
N PHE B 57 -4.46 -6.95 6.56
CA PHE B 57 -4.05 -5.54 6.71
C PHE B 57 -3.73 -5.18 8.15
N LYS B 58 -4.63 -5.53 9.07
CA LYS B 58 -4.46 -5.19 10.47
C LYS B 58 -3.16 -5.77 11.00
N GLU B 59 -2.89 -7.02 10.65
CA GLU B 59 -1.69 -7.72 11.11
C GLU B 59 -0.42 -7.08 10.59
N ASP B 60 -0.36 -6.77 9.30
CA ASP B 60 0.81 -6.10 8.75
C ASP B 60 1.01 -4.70 9.38
N LEU B 61 -0.09 -3.97 9.52
CA LEU B 61 -0.02 -2.64 10.10
C LEU B 61 0.55 -2.71 11.52
N ASN B 63 2.39 -4.97 12.95
CA ASN B 63 3.81 -5.30 12.90
C ASN B 63 4.66 -4.10 12.47
N PHE B 64 4.12 -3.30 11.56
CA PHE B 64 4.80 -2.10 11.11
C PHE B 64 4.93 -1.14 12.27
N LEU B 65 3.81 -0.87 12.93
CA LEU B 65 3.79 0.10 14.03
C LEU B 65 4.64 -0.40 15.20
N ASP B 66 4.56 -1.70 15.46
CA ASP B 66 5.32 -2.29 16.57
C ASP B 66 6.81 -2.12 16.38
N TYR B 67 7.31 -2.37 15.18
CA TYR B 67 8.71 -2.18 14.91
C TYR B 67 9.15 -0.71 14.98
N GLU B 69 7.87 1.55 16.87
CA GLU B 69 7.89 1.88 18.29
C GLU B 69 9.17 1.38 18.95
N VAL B 70 9.59 0.17 18.61
CA VAL B 70 10.83 -0.37 19.16
C VAL B 70 12.01 0.49 18.69
N CYS B 71 11.92 0.98 17.46
CA CYS B 71 12.96 1.84 16.93
C CYS B 71 13.12 3.08 17.81
N GLN B 72 12.01 3.71 18.14
CA GLN B 72 12.06 4.95 18.93
C GLN B 72 12.58 4.66 20.34
N LEU B 73 12.16 3.53 20.91
CA LEU B 73 12.61 3.16 22.24
C LEU B 73 14.11 2.89 22.22
N ALA B 74 14.57 2.21 21.17
CA ALA B 74 16.00 1.97 21.00
C ALA B 74 16.76 3.29 20.88
N LEU B 75 16.21 4.27 20.17
CA LEU B 75 16.91 5.54 20.04
C LEU B 75 17.05 6.23 21.38
N ASN B 76 15.98 6.20 22.18
CA ASN B 76 16.02 6.86 23.50
C ASN B 76 17.11 6.25 24.37
N ASP B 77 17.41 4.97 24.12
CA ASP B 77 18.41 4.24 24.88
C ASP B 77 19.76 4.31 24.18
N ASN B 79 20.58 2.80 21.66
CA ASN B 79 20.92 1.49 21.12
C ASN B 79 20.68 1.51 19.63
N PHE B 80 21.71 1.80 18.86
CA PHE B 80 21.54 1.98 17.42
C PHE B 80 21.57 0.66 16.64
N ILE B 82 19.68 -1.91 17.74
CA ILE B 82 18.27 -2.28 17.80
C ILE B 82 17.45 -1.30 16.97
N ALA B 83 17.84 -0.03 16.98
CA ALA B 83 17.14 0.97 16.17
C ALA B 83 17.25 0.62 14.69
N SER B 84 18.45 0.26 14.26
CA SER B 84 18.69 -0.12 12.88
C SER B 84 17.84 -1.34 12.50
N ASN B 85 17.90 -2.38 13.31
CA ASN B 85 17.16 -3.59 12.99
C ASN B 85 15.65 -3.36 12.94
N SER B 86 15.14 -2.56 13.89
CA SER B 86 13.70 -2.29 13.96
C SER B 86 13.22 -1.50 12.74
N LEU B 87 14.05 -0.57 12.30
CA LEU B 87 13.71 0.28 11.15
C LEU B 87 13.70 -0.58 9.90
N PHE B 88 14.63 -1.54 9.85
CA PHE B 88 14.69 -2.49 8.74
C PHE B 88 13.44 -3.34 8.67
N ALA B 90 10.58 -2.62 10.00
CA ALA B 90 9.46 -1.72 9.70
C ALA B 90 9.36 -1.54 8.20
N ILE B 92 10.35 -3.68 5.96
CA ILE B 92 9.79 -4.91 5.43
C ILE B 92 8.27 -4.89 5.50
N TYR B 93 7.73 -4.48 6.63
CA TYR B 93 6.29 -4.47 6.78
C TYR B 93 5.58 -3.36 6.00
N ALA B 94 6.25 -2.24 5.78
CA ALA B 94 5.72 -1.23 4.88
C ALA B 94 5.60 -1.80 3.46
N GLY B 95 6.58 -2.59 3.04
CA GLY B 95 6.49 -3.27 1.76
C GLY B 95 5.31 -4.24 1.68
N ASN B 96 5.08 -4.99 2.75
CA ASN B 96 3.92 -5.88 2.82
C ASN B 96 2.61 -5.12 2.67
N LEU B 97 2.53 -3.98 3.34
CA LEU B 97 1.35 -3.11 3.23
C LEU B 97 1.13 -2.62 1.81
N SER B 98 2.21 -2.20 1.15
CA SER B 98 2.13 -1.78 -0.24
C SER B 98 1.64 -2.94 -1.10
N LEU B 99 2.20 -4.12 -0.86
CA LEU B 99 1.83 -5.33 -1.60
C LEU B 99 0.36 -5.71 -1.49
N ILE B 100 -0.23 -5.51 -0.32
CA ILE B 100 -1.64 -5.80 -0.14
C ILE B 100 -2.47 -5.10 -1.23
N PHE B 101 -2.19 -3.82 -1.44
CA PHE B 101 -2.98 -3.05 -2.38
C PHE B 101 -2.61 -3.28 -3.82
N ASP B 102 -1.32 -3.52 -4.05
CA ASP B 102 -0.80 -3.88 -5.35
C ASP B 102 -1.51 -5.13 -5.87
N SER B 103 -1.68 -6.11 -4.98
CA SER B 103 -2.30 -7.37 -5.33
C SER B 103 -3.77 -7.20 -5.69
N ILE B 104 -4.47 -6.40 -4.88
CA ILE B 104 -5.87 -6.10 -5.19
C ILE B 104 -5.96 -5.37 -6.53
N LYS B 105 -5.13 -4.35 -6.71
CA LYS B 105 -5.08 -3.61 -7.98
C LYS B 105 -4.96 -4.58 -9.16
N THR B 106 -4.03 -5.51 -9.05
CA THR B 106 -3.79 -6.46 -10.13
C THR B 106 -5.00 -7.36 -10.42
N ASP B 107 -5.64 -7.88 -9.38
CA ASP B 107 -6.84 -8.70 -9.58
C ASP B 107 -7.96 -7.86 -10.23
N ILE B 108 -8.08 -6.59 -9.82
CA ILE B 108 -9.08 -5.72 -10.43
C ILE B 108 -8.80 -5.60 -11.91
N SER B 109 -7.53 -5.42 -12.24
CA SER B 109 -7.11 -5.34 -13.63
C SER B 109 -7.56 -6.59 -14.39
N THR B 110 -7.47 -7.74 -13.74
CA THR B 110 -7.82 -9.02 -14.38
C THR B 110 -9.32 -9.09 -14.64
N LEU B 111 -10.11 -8.52 -13.74
CA LEU B 111 -11.56 -8.45 -13.95
C LEU B 111 -11.89 -7.45 -15.06
N LEU B 112 -11.17 -6.34 -15.12
CA LEU B 112 -11.45 -5.31 -16.11
C LEU B 112 -11.16 -5.79 -17.53
N SER B 113 -10.19 -6.68 -17.66
CA SER B 113 -9.85 -7.25 -18.97
C SER B 113 -10.82 -8.37 -19.36
N ALA B 114 -11.54 -8.92 -18.38
CA ALA B 114 -12.43 -10.08 -18.61
C ALA B 114 -11.66 -11.26 -19.19
N GLU B 115 -10.37 -11.28 -18.93
CA GLU B 115 -9.45 -12.24 -19.53
C GLU B 115 -9.83 -13.69 -19.21
N TYR B 116 -10.42 -13.91 -18.04
CA TYR B 116 -10.75 -15.27 -17.61
C TYR B 116 -12.24 -15.58 -17.62
N LYS B 117 -13.01 -14.81 -18.38
CA LYS B 117 -14.46 -15.05 -18.49
C LYS B 117 -14.76 -16.47 -19.00
N LYS B 118 -15.90 -17.01 -18.58
CA LYS B 118 -16.35 -18.34 -19.00
C LYS B 118 -17.64 -18.29 -19.83
N ASN B 119 -18.03 -17.08 -20.22
CA ASN B 119 -19.21 -16.88 -21.05
C ASN B 119 -18.91 -15.79 -22.09
N SER B 120 -19.93 -15.19 -22.67
CA SER B 120 -19.68 -14.16 -23.68
C SER B 120 -19.65 -12.73 -23.11
N PHE B 121 -19.46 -12.60 -21.80
CA PHE B 121 -19.43 -11.27 -21.17
C PHE B 121 -18.45 -10.32 -21.84
N SER B 122 -18.89 -9.09 -22.06
CA SER B 122 -18.00 -8.05 -22.57
C SER B 122 -18.35 -6.71 -21.95
N TRP B 123 -17.34 -6.00 -21.44
CA TRP B 123 -17.52 -4.65 -20.92
C TRP B 123 -17.89 -3.72 -22.06
N PRO B 124 -18.91 -2.88 -21.85
CA PRO B 124 -19.31 -1.89 -22.87
C PRO B 124 -18.14 -0.95 -23.15
N SER B 125 -17.80 -0.73 -24.42
CA SER B 125 -16.67 0.15 -24.74
C SER B 125 -16.98 1.60 -24.39
N LEU B 126 -16.03 2.29 -23.76
CA LEU B 126 -16.22 3.70 -23.40
C LEU B 126 -15.46 4.62 -24.34
N ASP B 127 -14.58 4.02 -25.15
CA ASP B 127 -13.85 4.76 -26.17
C ASP B 127 -12.95 5.83 -25.56
#